data_4IZX
#
_entry.id   4IZX
#
_cell.length_a   33.800
_cell.length_b   57.158
_cell.length_c   61.229
_cell.angle_alpha   90.000
_cell.angle_beta   90.000
_cell.angle_gamma   90.000
#
_symmetry.space_group_name_H-M   'P 21 21 21'
#
loop_
_entity.id
_entity.type
_entity.pdbx_description
1 polymer 'Ricin B-like lectin'
2 branched beta-D-galactopyranose-(1-4)-beta-D-glucopyranose
3 non-polymer BENZAMIDINE
4 water water
#
_entity_poly.entity_id   1
_entity_poly.type   'polypeptide(L)'
_entity_poly.pdbx_seq_one_letter_code
;STQVSSGQTYKITNVKAGTVIDLSGEDNKSIIGYPYHSGKNQQWTFNWTGKAWTLRSASSGSYLGIEGTPADGTRLVAVN
DPFEWHIWRDEANENAFRIFVPFTNYNLDLSGYGDTTPGTPVQLWWTWEGLHQTWTIDRP
;
_entity_poly.pdbx_strand_id   A
#
loop_
_chem_comp.id
_chem_comp.type
_chem_comp.name
_chem_comp.formula
BEN non-polymer BENZAMIDINE 'C7 H8 N2'
BGC D-saccharide, beta linking beta-D-glucopyranose 'C6 H12 O6'
GAL D-saccharide, beta linking beta-D-galactopyranose 'C6 H12 O6'
#
# COMPACT_ATOMS: atom_id res chain seq x y z
N THR A 2 -9.46 7.24 -13.11
CA THR A 2 -10.61 7.18 -12.14
C THR A 2 -10.23 7.79 -10.82
N GLN A 3 -11.27 8.15 -10.07
CA GLN A 3 -11.12 8.96 -8.89
C GLN A 3 -10.87 8.13 -7.64
N VAL A 4 -10.13 8.66 -6.72
CA VAL A 4 -9.92 8.06 -5.44
C VAL A 4 -10.48 9.09 -4.48
N SER A 5 -11.37 8.65 -3.62
CA SER A 5 -12.15 9.52 -2.72
CA SER A 5 -12.07 9.52 -2.77
C SER A 5 -12.10 9.03 -1.32
N SER A 6 -11.97 9.97 -0.40
CA SER A 6 -12.09 9.69 1.00
C SER A 6 -13.41 9.02 1.31
N GLY A 7 -13.39 7.99 2.14
CA GLY A 7 -14.54 7.19 2.51
C GLY A 7 -14.77 5.96 1.67
N GLN A 8 -14.14 5.88 0.49
CA GLN A 8 -14.28 4.77 -0.38
C GLN A 8 -13.18 3.77 -0.15
N THR A 9 -13.44 2.55 -0.60
CA THR A 9 -12.58 1.40 -0.38
C THR A 9 -12.07 0.84 -1.68
N TYR A 10 -10.78 0.50 -1.72
CA TYR A 10 -10.09 0.15 -2.93
C TYR A 10 -9.19 -1.06 -2.74
N LYS A 11 -8.86 -1.74 -3.85
CA LYS A 11 -7.75 -2.64 -3.93
C LYS A 11 -6.56 -1.91 -4.55
N ILE A 12 -5.37 -2.32 -4.17
CA ILE A 12 -4.15 -1.62 -4.54
C ILE A 12 -3.23 -2.66 -5.21
N THR A 13 -3.04 -2.55 -6.53
CA THR A 13 -2.43 -3.59 -7.35
C THR A 13 -1.04 -3.13 -7.78
N ASN A 14 -0.02 -3.99 -7.64
CA ASN A 14 1.32 -3.64 -8.08
C ASN A 14 1.38 -3.66 -9.60
N VAL A 15 1.91 -2.60 -10.21
CA VAL A 15 1.98 -2.53 -11.67
C VAL A 15 2.89 -3.58 -12.25
N LYS A 16 4.01 -3.87 -11.59
CA LYS A 16 4.94 -4.88 -12.09
C LYS A 16 4.40 -6.28 -11.91
N ALA A 17 3.94 -6.62 -10.70
CA ALA A 17 3.63 -8.01 -10.36
C ALA A 17 2.20 -8.42 -10.62
N GLY A 18 1.24 -7.50 -10.49
CA GLY A 18 -0.15 -7.86 -10.62
C GLY A 18 -0.80 -8.37 -9.35
N THR A 19 -0.04 -8.60 -8.30
CA THR A 19 -0.54 -8.95 -7.01
C THR A 19 -0.95 -7.68 -6.26
N VAL A 20 -1.75 -7.85 -5.20
CA VAL A 20 -2.32 -6.74 -4.46
C VAL A 20 -1.77 -6.66 -3.06
N ILE A 21 -1.92 -5.49 -2.44
CA ILE A 21 -1.57 -5.27 -1.05
C ILE A 21 -2.56 -6.00 -0.16
N ASP A 22 -2.05 -6.92 0.65
CA ASP A 22 -2.84 -7.89 1.39
C ASP A 22 -2.34 -7.91 2.83
N LEU A 23 -3.29 -7.82 3.78
CA LEU A 23 -3.03 -7.99 5.18
C LEU A 23 -3.01 -9.48 5.45
N SER A 24 -1.83 -10.03 5.70
CA SER A 24 -1.63 -11.48 5.78
C SER A 24 -2.63 -12.15 6.71
N GLY A 25 -3.26 -13.20 6.21
CA GLY A 25 -4.14 -13.99 7.06
C GLY A 25 -3.38 -14.91 8.00
N GLU A 26 -2.07 -15.03 7.82
CA GLU A 26 -1.28 -15.87 8.70
C GLU A 26 -1.07 -15.24 10.05
N ASP A 27 -0.87 -13.93 10.09
CA ASP A 27 -0.62 -13.20 11.35
C ASP A 27 -1.48 -11.95 11.57
N ASN A 28 -2.32 -11.59 10.60
CA ASN A 28 -3.14 -10.36 10.66
C ASN A 28 -2.30 -9.13 10.99
N LYS A 29 -1.04 -9.15 10.54
CA LYS A 29 -0.14 -8.05 10.78
C LYS A 29 0.78 -7.68 9.61
N SER A 30 1.37 -8.68 8.98
CA SER A 30 2.32 -8.44 7.91
C SER A 30 1.61 -8.04 6.63
N ILE A 31 2.21 -7.09 5.91
CA ILE A 31 1.67 -6.64 4.65
C ILE A 31 2.43 -7.27 3.50
N ILE A 32 1.72 -7.97 2.62
CA ILE A 32 2.32 -8.78 1.60
C ILE A 32 1.66 -8.51 0.25
N GLY A 33 2.32 -8.94 -0.82
CA GLY A 33 1.69 -9.05 -2.11
C GLY A 33 1.05 -10.40 -2.28
N TYR A 34 -0.18 -10.46 -2.80
CA TYR A 34 -0.90 -11.70 -2.92
C TYR A 34 -1.86 -11.61 -4.07
N PRO A 35 -2.15 -12.73 -4.76
CA PRO A 35 -3.18 -12.67 -5.82
C PRO A 35 -4.53 -12.22 -5.26
N TYR A 36 -5.25 -11.41 -6.03
CA TYR A 36 -6.53 -10.87 -5.57
C TYR A 36 -7.63 -11.91 -5.62
N HIS A 37 -8.29 -12.11 -4.49
CA HIS A 37 -9.43 -13.00 -4.38
C HIS A 37 -10.66 -12.28 -3.81
N SER A 38 -10.65 -10.95 -3.80
CA SER A 38 -11.76 -10.15 -3.23
C SER A 38 -11.89 -10.28 -1.72
N GLY A 39 -10.88 -10.78 -1.06
CA GLY A 39 -10.90 -10.82 0.39
C GLY A 39 -10.96 -9.43 0.98
N LYS A 40 -11.58 -9.27 2.14
CA LYS A 40 -11.63 -7.93 2.78
C LYS A 40 -10.29 -7.51 3.38
N ASN A 41 -9.39 -8.49 3.57
CA ASN A 41 -8.00 -8.23 3.92
C ASN A 41 -7.18 -7.73 2.73
N GLN A 42 -7.80 -7.61 1.55
CA GLN A 42 -7.20 -7.07 0.34
C GLN A 42 -7.89 -5.76 -0.05
N GLN A 43 -8.69 -5.17 0.86
CA GLN A 43 -9.44 -3.98 0.65
C GLN A 43 -9.08 -2.96 1.70
N TRP A 44 -8.98 -1.70 1.29
CA TRP A 44 -8.44 -0.61 2.11
C TRP A 44 -9.33 0.60 1.97
N THR A 45 -9.89 1.05 3.09
CA THR A 45 -10.78 2.18 3.15
C THR A 45 -9.94 3.43 3.36
N PHE A 46 -9.98 4.32 2.36
CA PHE A 46 -9.19 5.51 2.36
C PHE A 46 -9.90 6.61 3.15
N ASN A 47 -9.14 7.42 3.87
CA ASN A 47 -9.61 8.61 4.53
C ASN A 47 -8.63 9.74 4.26
N TRP A 48 -9.14 10.89 3.83
CA TRP A 48 -8.35 12.09 3.76
C TRP A 48 -8.53 12.85 5.05
N THR A 49 -7.43 13.06 5.77
CA THR A 49 -7.46 13.63 7.09
C THR A 49 -7.57 15.16 7.08
N GLY A 50 -7.50 15.73 5.88
CA GLY A 50 -7.34 17.14 5.68
C GLY A 50 -5.95 17.47 5.19
N LYS A 51 -4.98 16.56 5.41
CA LYS A 51 -3.62 16.81 4.96
C LYS A 51 -2.90 15.59 4.37
N ALA A 52 -3.45 14.41 4.52
CA ALA A 52 -2.81 13.17 4.07
C ALA A 52 -3.87 12.09 4.08
N TRP A 53 -3.45 10.88 3.72
CA TRP A 53 -4.35 9.73 3.57
C TRP A 53 -4.05 8.69 4.63
N THR A 54 -5.09 8.09 5.20
CA THR A 54 -4.95 6.89 6.00
C THR A 54 -5.68 5.76 5.29
N LEU A 55 -5.18 4.55 5.49
CA LEU A 55 -5.70 3.35 4.80
C LEU A 55 -6.10 2.31 5.86
N ARG A 56 -7.40 2.08 5.99
CA ARG A 56 -7.92 1.20 7.03
C ARG A 56 -8.34 -0.14 6.45
N SER A 57 -7.85 -1.21 7.06
CA SER A 57 -8.17 -2.54 6.59
C SER A 57 -9.66 -2.82 6.74
N ALA A 58 -10.31 -3.19 5.66
CA ALA A 58 -11.74 -3.50 5.69
C ALA A 58 -12.04 -4.73 6.53
N SER A 59 -11.10 -5.65 6.67
CA SER A 59 -11.30 -6.84 7.49
C SER A 59 -11.01 -6.62 8.97
N SER A 60 -9.88 -5.99 9.29
CA SER A 60 -9.43 -5.93 10.67
C SER A 60 -9.71 -4.62 11.38
N GLY A 61 -9.79 -3.55 10.62
CA GLY A 61 -9.89 -2.21 11.21
C GLY A 61 -8.57 -1.61 11.69
N SER A 62 -7.48 -2.34 11.56
CA SER A 62 -6.14 -1.78 11.67
CA SER A 62 -6.18 -1.71 11.72
C SER A 62 -5.84 -0.91 10.48
N TYR A 63 -4.75 -0.14 10.57
CA TYR A 63 -4.33 0.75 9.51
C TYR A 63 -3.05 0.28 8.87
N LEU A 64 -2.86 0.63 7.61
CA LEU A 64 -1.61 0.36 6.94
C LEU A 64 -0.55 1.32 7.49
N GLY A 65 0.51 0.76 8.08
CA GLY A 65 1.59 1.54 8.68
C GLY A 65 2.93 0.83 8.50
N ILE A 66 3.90 1.25 9.31
CA ILE A 66 5.27 0.73 9.16
C ILE A 66 5.89 0.24 10.43
N GLU A 67 6.93 -0.61 10.25
CA GLU A 67 7.64 -1.22 11.34
C GLU A 67 8.97 -0.51 11.58
N GLY A 68 8.94 0.50 12.45
CA GLY A 68 10.15 1.23 12.77
C GLY A 68 10.29 2.48 11.90
N THR A 69 11.43 3.13 12.04
CA THR A 69 11.65 4.38 11.37
C THR A 69 11.91 4.16 9.88
N PRO A 70 11.47 5.09 9.01
CA PRO A 70 11.63 4.81 7.59
C PRO A 70 13.05 4.60 7.16
N ALA A 71 13.26 3.58 6.36
CA ALA A 71 14.54 3.18 5.87
C ALA A 71 14.30 2.24 4.67
N ASP A 72 15.33 2.05 3.87
CA ASP A 72 15.28 1.03 2.87
C ASP A 72 15.08 -0.32 3.52
N GLY A 73 13.98 -0.98 3.17
CA GLY A 73 13.65 -2.25 3.73
C GLY A 73 12.73 -2.29 4.92
N THR A 74 12.31 -1.14 5.42
CA THR A 74 11.32 -1.11 6.50
C THR A 74 10.08 -1.84 6.06
N ARG A 75 9.60 -2.75 6.91
CA ARG A 75 8.40 -3.54 6.61
C ARG A 75 7.12 -2.74 6.80
N LEU A 76 6.15 -2.90 5.90
CA LEU A 76 4.80 -2.43 6.19
C LEU A 76 4.10 -3.46 7.07
N VAL A 77 3.36 -2.95 8.05
CA VAL A 77 2.59 -3.74 8.99
C VAL A 77 1.28 -3.03 9.32
N ALA A 78 0.30 -3.82 9.77
CA ALA A 78 -0.90 -3.27 10.36
C ALA A 78 -0.60 -2.61 11.70
N VAL A 79 -1.18 -1.44 11.94
CA VAL A 79 -0.96 -0.68 13.16
C VAL A 79 -2.29 -0.22 13.73
N ASN A 80 -2.31 0.05 15.02
CA ASN A 80 -3.53 0.42 15.72
C ASN A 80 -4.06 1.80 15.31
N ASP A 81 -3.15 2.78 15.30
CA ASP A 81 -3.53 4.17 15.12
C ASP A 81 -3.45 4.51 13.61
N PRO A 82 -4.26 5.46 13.12
CA PRO A 82 -4.15 5.89 11.74
C PRO A 82 -2.75 6.40 11.43
N PHE A 83 -2.20 5.95 10.33
CA PHE A 83 -0.88 6.35 9.88
C PHE A 83 -1.04 7.11 8.55
N GLU A 84 -0.52 8.33 8.51
CA GLU A 84 -0.66 9.18 7.34
C GLU A 84 0.36 8.88 6.25
N TRP A 85 -0.16 8.89 5.04
CA TRP A 85 0.59 8.69 3.80
C TRP A 85 0.35 9.86 2.85
N HIS A 86 1.36 10.16 2.04
CA HIS A 86 1.18 11.01 0.87
C HIS A 86 1.03 10.10 -0.35
N ILE A 87 0.06 10.39 -1.20
CA ILE A 87 -0.23 9.58 -2.37
C ILE A 87 -0.20 10.48 -3.59
N TRP A 88 0.63 10.13 -4.57
CA TRP A 88 0.79 10.95 -5.75
C TRP A 88 0.73 10.11 -6.98
N ARG A 89 0.26 10.68 -8.08
CA ARG A 89 0.40 9.98 -9.37
C ARG A 89 1.88 9.78 -9.69
N ASP A 90 2.22 8.63 -10.28
CA ASP A 90 3.55 8.41 -10.80
C ASP A 90 3.84 9.37 -11.92
N GLU A 91 5.09 9.85 -12.01
CA GLU A 91 5.46 10.88 -12.96
C GLU A 91 5.43 10.33 -14.37
N ALA A 92 5.86 9.07 -14.55
CA ALA A 92 5.95 8.47 -15.89
C ALA A 92 4.61 7.92 -16.35
N ASN A 93 3.90 7.25 -15.44
CA ASN A 93 2.64 6.54 -15.71
C ASN A 93 1.50 7.20 -14.93
N GLU A 94 0.73 8.06 -15.58
CA GLU A 94 -0.33 8.81 -14.94
C GLU A 94 -1.48 7.91 -14.44
N ASN A 95 -1.51 6.64 -14.85
CA ASN A 95 -2.56 5.75 -14.39
C ASN A 95 -2.26 5.14 -13.02
N ALA A 96 -1.05 5.32 -12.55
CA ALA A 96 -0.58 4.67 -11.35
C ALA A 96 -0.15 5.67 -10.31
N PHE A 97 0.11 5.18 -9.13
CA PHE A 97 0.40 5.95 -7.94
C PHE A 97 1.64 5.44 -7.23
N ARG A 98 2.22 6.35 -6.45
CA ARG A 98 3.22 6.05 -5.44
C ARG A 98 2.69 6.49 -4.09
N ILE A 99 3.07 5.76 -3.05
CA ILE A 99 2.57 5.96 -1.69
C ILE A 99 3.79 6.19 -0.81
N PHE A 100 3.93 7.40 -0.32
CA PHE A 100 5.13 7.89 0.38
C PHE A 100 4.85 8.07 1.86
N VAL A 101 5.86 7.81 2.69
CA VAL A 101 5.86 8.37 4.05
C VAL A 101 5.96 9.89 3.87
N PRO A 102 5.06 10.65 4.52
CA PRO A 102 5.02 12.08 4.25
C PRO A 102 6.34 12.76 4.44
N PHE A 103 6.68 13.60 3.45
CA PHE A 103 7.87 14.47 3.50
C PHE A 103 9.17 13.70 3.49
N THR A 104 9.13 12.47 2.98
CA THR A 104 10.31 11.67 2.76
C THR A 104 10.33 11.23 1.31
N ASN A 105 11.45 10.62 0.93
CA ASN A 105 11.59 9.99 -0.37
C ASN A 105 11.38 8.48 -0.31
N TYR A 106 10.81 7.97 0.79
CA TYR A 106 10.51 6.55 0.91
C TYR A 106 9.11 6.24 0.51
N ASN A 107 8.98 5.33 -0.47
CA ASN A 107 7.67 4.90 -0.98
C ASN A 107 7.51 3.40 -0.93
N LEU A 108 6.26 2.95 -1.00
CA LEU A 108 5.97 1.53 -0.99
C LEU A 108 6.61 0.84 -2.17
N ASP A 109 7.16 -0.35 -1.89
CA ASP A 109 7.98 -1.12 -2.81
C ASP A 109 7.62 -2.59 -2.54
N LEU A 110 7.18 -3.28 -3.58
CA LEU A 110 6.96 -4.72 -3.49
C LEU A 110 8.33 -5.37 -3.61
N SER A 111 8.74 -6.04 -2.54
CA SER A 111 10.12 -6.48 -2.38
C SER A 111 10.52 -7.54 -3.39
N GLY A 112 11.83 -7.78 -3.47
CA GLY A 112 12.38 -8.60 -4.52
C GLY A 112 12.15 -8.05 -5.90
N TYR A 113 12.05 -6.73 -6.03
CA TYR A 113 11.82 -6.06 -7.32
C TYR A 113 10.49 -6.49 -7.91
N GLY A 114 9.47 -6.53 -7.05
CA GLY A 114 8.16 -6.91 -7.52
C GLY A 114 8.02 -8.42 -7.71
N ASP A 115 8.61 -9.18 -6.78
CA ASP A 115 8.48 -10.66 -6.79
C ASP A 115 6.98 -10.97 -6.73
N THR A 116 6.55 -11.83 -7.66
CA THR A 116 5.13 -12.18 -7.77
C THR A 116 4.70 -13.25 -6.77
N THR A 117 5.64 -13.84 -6.07
CA THR A 117 5.34 -14.94 -5.17
C THR A 117 4.33 -14.47 -4.14
N PRO A 118 3.26 -15.25 -3.94
CA PRO A 118 2.33 -14.90 -2.87
C PRO A 118 3.05 -14.87 -1.52
N GLY A 119 2.86 -13.79 -0.76
CA GLY A 119 3.56 -13.63 0.50
C GLY A 119 4.78 -12.71 0.44
N THR A 120 5.12 -12.23 -0.73
CA THR A 120 6.25 -11.30 -0.85
C THR A 120 6.00 -10.04 0.00
N PRO A 121 6.93 -9.66 0.88
CA PRO A 121 6.64 -8.50 1.74
C PRO A 121 6.58 -7.20 0.95
N VAL A 122 5.70 -6.31 1.39
CA VAL A 122 5.70 -4.93 0.96
C VAL A 122 6.54 -4.12 1.97
N GLN A 123 7.44 -3.30 1.45
CA GLN A 123 8.43 -2.58 2.20
C GLN A 123 8.48 -1.11 1.78
N LEU A 124 9.25 -0.31 2.50
CA LEU A 124 9.68 1.00 2.02
C LEU A 124 10.99 0.88 1.27
N TRP A 125 11.17 1.73 0.28
CA TRP A 125 12.47 1.90 -0.36
C TRP A 125 12.54 3.30 -0.92
N TRP A 126 13.75 3.85 -1.02
CA TRP A 126 13.99 5.09 -1.72
C TRP A 126 13.34 5.09 -3.09
N THR A 127 12.75 6.20 -3.46
CA THR A 127 12.00 6.26 -4.67
C THR A 127 12.89 6.27 -5.93
N TRP A 128 12.52 5.44 -6.91
CA TRP A 128 13.17 5.43 -8.21
C TRP A 128 12.21 4.82 -9.20
N GLU A 129 12.61 4.70 -10.46
CA GLU A 129 11.67 4.37 -11.51
C GLU A 129 11.15 2.94 -11.49
N GLY A 130 11.77 2.05 -10.70
CA GLY A 130 11.37 0.65 -10.64
C GLY A 130 9.86 0.49 -10.55
N LEU A 131 9.30 -0.30 -11.44
CA LEU A 131 7.86 -0.37 -11.60
C LEU A 131 7.18 -1.06 -10.43
N HIS A 132 7.94 -1.84 -9.67
CA HIS A 132 7.44 -2.46 -8.46
C HIS A 132 7.17 -1.48 -7.34
N GLN A 133 7.48 -0.20 -7.57
CA GLN A 133 7.11 0.88 -6.66
C GLN A 133 5.86 1.64 -7.08
N THR A 134 5.16 1.16 -8.11
CA THR A 134 3.99 1.85 -8.62
C THR A 134 2.77 0.93 -8.55
N TRP A 135 1.61 1.55 -8.36
CA TRP A 135 0.44 0.83 -7.91
C TRP A 135 -0.79 1.44 -8.57
N THR A 136 -1.74 0.60 -8.97
CA THR A 136 -3.07 1.10 -9.34
C THR A 136 -3.99 1.03 -8.14
N ILE A 137 -4.95 1.94 -8.07
CA ILE A 137 -5.91 2.02 -6.97
C ILE A 137 -7.31 1.99 -7.62
N ASP A 138 -8.10 0.95 -7.42
CA ASP A 138 -9.40 0.88 -8.08
C ASP A 138 -10.35 0.00 -7.29
N ARG A 139 -11.59 -0.06 -7.75
CA ARG A 139 -12.64 -0.60 -6.89
C ARG A 139 -12.47 -2.10 -6.72
N PRO A 140 -12.88 -2.63 -5.57
CA PRO A 140 -12.74 -4.07 -5.30
C PRO A 140 -13.63 -4.95 -6.15
C2 BGC B . -4.33 -19.28 7.18
C3 BGC B . -4.16 -18.01 6.33
C4 BGC B . -5.28 -17.87 5.32
C5 BGC B . -6.63 -18.30 5.89
C6 BGC B . -7.59 -18.64 4.75
C1 BGC B . -5.69 -19.23 7.86
O1 BGC B . -5.80 -20.25 8.87
O2 BGC B . -3.24 -19.27 8.09
O3 BGC B . -2.87 -18.01 5.69
O4 BGC B . -5.40 -16.50 4.91
O5 BGC B . -6.52 -19.44 6.73
O6 BGC B . -6.94 -19.60 3.89
C1 GAL B . -4.74 -16.17 3.72
C2 GAL B . -5.46 -15.02 3.10
C3 GAL B . -4.65 -14.46 1.93
C4 GAL B . -3.22 -14.17 2.39
C5 GAL B . -2.64 -15.43 3.00
C6 GAL B . -1.20 -15.25 3.48
O2 GAL B . -6.71 -15.47 2.61
O3 GAL B . -5.30 -13.28 1.46
O4 GAL B . -3.20 -13.11 3.38
O5 GAL B . -3.42 -15.82 4.13
O6 GAL B . -0.71 -16.52 3.99
C1 BEN C . -5.33 11.52 -6.94
C2 BEN C . -6.10 10.67 -6.17
C3 BEN C . -5.70 10.34 -4.87
C4 BEN C . -4.50 10.81 -4.39
C5 BEN C . -3.73 11.66 -5.16
C6 BEN C . -4.13 11.98 -6.44
C BEN C . -5.75 11.84 -8.33
N1 BEN C . -4.91 12.44 -9.10
N2 BEN C . -6.85 11.45 -8.76
#